data_2N6I
#
_entry.id   2N6I
#
_entity_poly.entity_id   1
_entity_poly.type   'polypeptide(L)'
_entity_poly.pdbx_seq_one_letter_code
;(NH2)QKFIRV(4FU)GVTIREK(NH2)
;
_entity_poly.pdbx_strand_id   A
#
loop_
_chem_comp.id
_chem_comp.type
_chem_comp.name
_chem_comp.formula
4FU non-polymer '(1R,2S)-cyclohexane-1,2-dicarboxylic acid' 'C8 H12 O4'
NH2 non-polymer 'AMINO GROUP' 'H2 N'
#
# COMPACT_ATOMS: atom_id res chain seq x y z
N NH2 A 1 8.75 2.09 5.06
HN1 NH2 A 1 9.18 1.27 5.40
HN2 NH2 A 1 9.26 2.92 5.03
N GLN A 2 5.31 0.97 4.50
CA GLN A 2 6.74 0.74 4.68
C GLN A 2 7.52 2.06 4.64
N LYS A 3 2.13 -0.55 4.53
CA LYS A 3 2.94 0.63 4.88
C LYS A 3 4.39 0.29 5.19
N PHE A 4 0.35 -2.21 3.58
CA PHE A 4 1.66 -2.81 3.80
C PHE A 4 2.67 -1.71 4.15
N ILE A 5 -2.93 -2.80 2.18
CA ILE A 5 -1.99 -2.09 3.04
C ILE A 5 -0.72 -2.92 3.26
N ARG A 6 -4.98 -2.43 -0.84
CA ARG A 6 -4.34 -3.17 0.25
C ARG A 6 -3.37 -2.29 1.01
N VAL A 7 -8.08 -1.91 -2.42
CA VAL A 7 -6.81 -1.31 -1.98
C VAL A 7 -6.25 -2.07 -0.78
C7 4FU A 8 -8.54 -5.37 -4.34
C8 4FU A 8 -9.60 -4.61 -3.54
C9 4FU A 8 -10.98 -5.16 -3.87
C11 4FU A 8 -11.29 -4.98 -5.35
C12 4FU A 8 -11.23 -3.49 -5.71
C13 4FU A 8 -9.84 -2.95 -5.39
C14 4FU A 8 -9.56 -3.13 -3.91
C 4FU A 8 -8.19 -2.54 -3.56
O 4FU A 8 -7.25 -2.67 -4.35
O1 4FU A 8 -8.86 -6.29 -5.10
H8 4FU A 8 -9.41 -4.73 -2.48
H9 4FU A 8 -11.01 -6.22 -3.62
HAI 4FU A 8 -11.73 -4.64 -3.28
H112 4FU A 8 -12.29 -5.36 -5.57
H111 4FU A 8 -10.56 -5.53 -5.95
HAG 4FU A 8 -11.43 -3.37 -6.77
H12 4FU A 8 -11.98 -2.96 -5.13
HAL 4FU A 8 -9.82 -1.88 -5.65
HAK 4FU A 8 -9.09 -3.48 -5.97
H14 4FU A 8 -10.33 -2.60 -3.33
N GLY A 9 -7.29 -5.03 -4.16
CA GLY A 9 -6.21 -5.72 -4.87
C GLY A 9 -4.92 -4.89 -4.85
N VAL A 10 -4.98 -3.72 -5.49
CA VAL A 10 -3.81 -2.84 -5.55
C VAL A 10 -3.39 -2.41 -4.14
N THR A 11 -2.26 -1.72 -4.04
CA THR A 11 -1.74 -1.26 -2.76
C THR A 11 -1.21 0.17 -2.90
N ILE A 12 -1.09 0.89 -1.78
CA ILE A 12 -0.59 2.28 -1.83
C ILE A 12 0.37 2.58 -0.69
N ARG A 13 1.53 3.13 -1.05
CA ARG A 13 2.59 3.46 -0.09
C ARG A 13 3.20 4.83 -0.36
N GLU A 14 3.49 5.54 0.73
CA GLU A 14 4.12 6.85 0.63
C GLU A 14 5.48 6.68 0.00
N LYS A 15 6.13 5.57 0.32
CA LYS A 15 7.45 5.23 -0.21
C LYS A 15 8.30 6.48 -0.39
N NH2 A 16 9.22 6.50 -1.31
HN1 NH2 A 16 9.36 5.71 -1.88
HN2 NH2 A 16 9.77 7.29 -1.44
N NH2 A 1 4.81 -0.25 6.73
HN1 NH2 A 1 4.31 -0.52 5.94
HN2 NH2 A 1 4.69 -0.72 7.59
N GLN A 2 4.58 1.56 4.58
CA GLN A 2 5.83 1.49 5.34
C GLN A 2 5.64 0.76 6.67
N LYS A 3 1.52 0.42 4.16
CA LYS A 3 2.17 1.71 4.29
C LYS A 3 3.39 1.64 5.19
N PHE A 4 -0.20 -1.50 3.80
CA PHE A 4 0.86 -1.79 4.75
C PHE A 4 1.58 -0.52 5.10
N ILE A 5 -2.97 -2.23 2.53
CA ILE A 5 -2.39 -0.96 3.00
C ILE A 5 -1.45 -1.22 4.17
N ARG A 6 -4.08 -4.00 -0.16
CA ARG A 6 -3.29 -4.11 1.05
C ARG A 6 -2.60 -2.78 1.38
N VAL A 7 -4.98 -5.37 -2.95
CA VAL A 7 -5.68 -4.77 -1.81
C VAL A 7 -4.90 -4.99 -0.53
C7 4FU A 8 -5.75 -4.46 -7.00
C8 4FU A 8 -5.38 -5.89 -6.58
C9 4FU A 8 -6.66 -6.69 -6.38
C11 4FU A 8 -6.31 -8.12 -5.98
C12 4FU A 8 -5.51 -8.10 -4.70
C13 4FU A 8 -4.23 -7.29 -4.89
C14 4FU A 8 -4.58 -5.86 -5.29
C 4FU A 8 -5.41 -5.21 -4.18
O 4FU A 8 -6.42 -4.56 -4.44
O1 4FU A 8 -6.43 -4.27 -8.01
H8 4FU A 8 -4.79 -6.34 -7.37
H9 4FU A 8 -7.26 -6.23 -5.60
HAI 4FU A 8 -7.23 -6.71 -7.32
H112 4FU A 8 -5.71 -8.58 -6.78
H111 4FU A 8 -7.22 -8.68 -5.84
HAG 4FU A 8 -6.10 -7.66 -3.90
H12 4FU A 8 -5.25 -9.13 -4.43
HAL 4FU A 8 -3.64 -7.75 -5.68
HAK 4FU A 8 -3.66 -7.28 -3.96
H14 4FU A 8 -3.66 -5.30 -5.44
N GLY A 9 -5.30 -3.47 -6.26
CA GLY A 9 -5.61 -2.08 -6.60
C GLY A 9 -5.33 -1.16 -5.41
N VAL A 10 -5.96 -1.47 -4.27
CA VAL A 10 -5.77 -0.66 -3.07
C VAL A 10 -4.51 -1.07 -2.32
N THR A 11 -3.50 -1.47 -3.08
CA THR A 11 -2.21 -1.88 -2.52
C THR A 11 -1.12 -0.96 -3.06
N ILE A 12 -0.29 -0.38 -2.19
CA ILE A 12 0.74 0.53 -2.72
C ILE A 12 1.83 0.90 -1.70
N ARG A 13 2.98 1.26 -2.27
CA ARG A 13 4.16 1.67 -1.52
C ARG A 13 4.39 3.17 -1.72
N GLU A 14 3.77 3.96 -0.84
CA GLU A 14 3.88 5.41 -0.90
C GLU A 14 5.31 5.85 -0.65
N LYS A 15 5.96 5.17 0.29
CA LYS A 15 7.31 5.42 0.71
C LYS A 15 8.04 6.43 -0.20
N NH2 A 16 8.57 7.49 0.34
HN1 NH2 A 16 8.50 7.65 1.30
HN2 NH2 A 16 9.03 8.15 -0.23
N NH2 A 1 8.72 -1.60 4.28
HN1 NH2 A 1 8.41 -2.43 3.88
HN2 NH2 A 1 9.49 -1.59 4.88
N GLN A 2 5.71 0.08 3.79
CA GLN A 2 6.88 -0.49 3.10
C GLN A 2 8.09 -0.48 4.03
N LYS A 3 2.38 -0.73 4.71
CA LYS A 3 3.64 -0.06 5.04
C LYS A 3 4.81 -0.72 4.36
N PHE A 4 -0.28 -1.05 3.17
CA PHE A 4 0.83 -2.01 3.31
C PHE A 4 2.17 -1.31 3.51
N ILE A 5 -3.89 -0.82 2.49
CA ILE A 5 -2.58 -0.30 2.94
C ILE A 5 -1.55 -1.43 3.07
N ARG A 6 -5.74 -1.94 0.27
CA ARG A 6 -5.94 -0.78 1.14
C ARG A 6 -4.61 -0.15 1.56
N VAL A 7 -3.82 -4.89 -0.47
CA VAL A 7 -5.08 -4.14 -0.44
C VAL A 7 -5.11 -3.05 0.65
C7 4FU A 8 -1.27 -4.86 -3.56
C8 4FU A 8 -0.92 -5.34 -2.15
C9 4FU A 8 0.35 -6.18 -2.17
C11 4FU A 8 0.15 -7.44 -2.98
C12 4FU A 8 -0.96 -8.27 -2.36
C13 4FU A 8 -2.25 -7.47 -2.33
C14 4FU A 8 -2.05 -6.18 -1.55
C 4FU A 8 -3.36 -5.39 -1.59
O 4FU A 8 -3.95 -5.24 -2.65
O1 4FU A 8 -1.22 -3.65 -3.79
H8 4FU A 8 -0.76 -4.48 -1.51
H9 4FU A 8 1.15 -5.58 -2.61
HAI 4FU A 8 0.63 -6.44 -1.15
H112 4FU A 8 1.08 -8.02 -2.99
H111 4FU A 8 -0.10 -7.18 -4.01
HAG 4FU A 8 -1.10 -9.18 -2.95
H12 4FU A 8 -0.67 -8.54 -1.34
HAL 4FU A 8 -3.01 -8.07 -1.84
HAK 4FU A 8 -2.58 -7.24 -3.35
H14 4FU A 8 -1.81 -6.42 -0.52
N GLY A 9 -1.61 -5.73 -4.47
CA GLY A 9 -1.95 -5.34 -5.85
C GLY A 9 -2.57 -3.94 -5.91
N VAL A 10 -3.82 -3.82 -5.46
CA VAL A 10 -4.50 -2.52 -5.43
C VAL A 10 -4.30 -1.90 -4.06
N THR A 11 -3.19 -1.18 -3.90
CA THR A 11 -2.87 -0.58 -2.62
C THR A 11 -1.99 0.66 -2.81
N ILE A 12 -2.10 1.59 -1.86
CA ILE A 12 -1.36 2.87 -1.89
C ILE A 12 -0.73 3.20 -0.53
N ARG A 13 0.53 3.61 -0.56
CA ARG A 13 1.26 3.98 0.65
C ARG A 13 2.61 4.58 0.25
N GLU A 14 3.30 5.24 1.18
CA GLU A 14 4.59 5.87 0.84
C GLU A 14 5.69 4.84 0.71
N LYS A 15 6.01 4.47 -0.53
CA LYS A 15 7.07 3.50 -0.80
C LYS A 15 8.41 4.20 -1.04
N NH2 A 16 9.51 3.64 -0.61
HN1 NH2 A 16 9.47 2.77 -0.16
HN2 NH2 A 16 10.36 4.08 -0.77
N NH2 A 1 9.02 -1.78 5.29
HN1 NH2 A 1 9.06 -2.26 4.43
HN2 NH2 A 1 9.51 -2.13 6.06
N GLN A 2 6.27 0.39 4.55
CA GLN A 2 7.59 -0.13 4.16
C GLN A 2 8.34 -0.67 5.38
N LYS A 3 3.08 -0.73 5.45
CA LYS A 3 4.12 0.26 5.75
C LYS A 3 5.48 -0.32 5.35
N PHE A 4 -0.28 -1.22 4.06
CA PHE A 4 1.03 -1.63 4.54
C PHE A 4 1.95 -0.44 4.80
N ILE A 5 -3.24 -2.37 2.33
CA ILE A 5 -2.54 -1.45 3.24
C ILE A 5 -1.24 -2.08 3.75
N ARG A 6 -4.74 -2.63 -0.95
CA ARG A 6 -4.11 -3.19 0.23
C ARG A 6 -3.35 -2.13 1.02
N VAL A 7 -7.76 -2.13 -2.50
CA VAL A 7 -6.47 -1.49 -2.21
C VAL A 7 -5.91 -2.02 -0.89
C7 4FU A 8 -8.36 -5.54 -4.40
C8 4FU A 8 -9.34 -4.83 -3.48
C9 4FU A 8 -10.72 -5.43 -3.62
C11 4FU A 8 -11.23 -5.25 -5.05
C12 4FU A 8 -11.27 -3.77 -5.40
C13 4FU A 8 -9.87 -3.16 -5.25
C14 4FU A 8 -9.40 -3.34 -3.81
C 4FU A 8 -8.02 -2.72 -3.65
O 4FU A 8 -7.20 -2.77 -4.56
O1 4FU A 8 -8.74 -6.47 -5.13
H8 4FU A 8 -9.00 -4.95 -2.44
H9 4FU A 8 -10.68 -6.49 -3.39
HAI 4FU A 8 -11.41 -4.95 -2.94
H112 4FU A 8 -12.23 -5.67 -5.14
H111 4FU A 8 -10.56 -5.77 -5.74
HAG 4FU A 8 -11.61 -3.65 -6.42
H12 4FU A 8 -11.96 -3.27 -4.72
HAL 4FU A 8 -9.92 -2.10 -5.49
HAK 4FU A 8 -9.19 -3.67 -5.92
H14 4FU A 8 -10.10 -2.85 -3.14
N GLY A 9 -7.11 -5.16 -4.39
CA GLY A 9 -6.10 -5.80 -5.23
C GLY A 9 -4.78 -5.04 -5.18
N VAL A 10 -4.76 -3.85 -5.78
CA VAL A 10 -3.55 -3.05 -5.80
C VAL A 10 -3.17 -2.60 -4.40
N THR A 11 -2.09 -1.81 -4.31
CA THR A 11 -1.61 -1.32 -3.02
C THR A 11 -1.09 0.10 -3.18
N ILE A 12 -1.14 0.89 -2.10
CA ILE A 12 -0.66 2.28 -2.19
C ILE A 12 -0.22 2.81 -0.83
N ARG A 13 0.85 3.61 -0.83
CA ARG A 13 1.39 4.17 0.42
C ARG A 13 2.47 5.23 0.13
N GLU A 14 3.18 5.70 1.16
CA GLU A 14 4.18 6.76 0.96
C GLU A 14 5.26 6.35 -0.05
N LYS A 15 5.73 5.13 0.05
CA LYS A 15 6.73 4.60 -0.84
C LYS A 15 7.99 5.47 -0.82
N NH2 A 16 9.13 4.92 -0.50
HN1 NH2 A 16 9.18 3.98 -0.27
HN2 NH2 A 16 9.94 5.48 -0.48
N NH2 A 1 8.12 -1.64 5.90
HN1 NH2 A 1 7.95 -2.42 5.33
HN2 NH2 A 1 8.49 -1.76 6.80
N GLN A 2 6.02 0.44 4.10
CA GLN A 2 7.30 -0.26 4.05
C GLN A 2 7.87 -0.43 5.46
N LYS A 3 2.55 -0.04 4.23
CA LYS A 3 3.70 0.70 4.81
C LYS A 3 5.01 -0.08 4.78
N PHE A 4 0.36 -0.87 2.74
CA PHE A 4 1.35 -1.88 3.18
C PHE A 4 2.65 -1.27 3.70
N ILE A 5 -3.22 -0.33 2.40
CA ILE A 5 -1.84 0.15 2.50
C ILE A 5 -0.93 -0.95 3.06
N ARG A 6 -5.53 -2.18 0.40
CA ARG A 6 -5.27 -1.04 1.30
C ARG A 6 -3.81 -0.58 1.23
N VAL A 7 -4.29 -5.34 -0.71
CA VAL A 7 -5.42 -4.46 -0.45
C VAL A 7 -5.04 -3.40 0.60
C7 4FU A 8 -2.16 -5.64 -4.17
C8 4FU A 8 -1.75 -6.10 -2.77
C9 4FU A 8 -0.56 -7.04 -2.88
C11 4FU A 8 -0.95 -8.29 -3.65
C12 4FU A 8 -2.07 -9.00 -2.92
C13 4FU A 8 -3.27 -8.08 -2.80
C14 4FU A 8 -2.88 -6.81 -2.05
C 4FU A 8 -4.09 -5.89 -1.90
O 4FU A 8 -4.85 -5.69 -2.84
O1 4FU A 8 -1.37 -4.99 -4.85
H8 4FU A 8 -1.45 -5.22 -2.20
H9 4FU A 8 0.26 -6.52 -3.39
HAI 4FU A 8 -0.23 -7.32 -1.88
H112 4FU A 8 -0.08 -8.95 -3.74
H111 4FU A 8 -1.28 -7.99 -4.65
HAG 4FU A 8 -2.35 -9.89 -3.47
H12 4FU A 8 -1.71 -9.28 -1.93
HAL 4FU A 8 -4.05 -8.61 -2.23
HAK 4FU A 8 -3.65 -7.84 -3.78
H14 4FU A 8 -2.53 -7.10 -1.05
N GLY A 9 -3.35 -5.94 -4.62
CA GLY A 9 -3.79 -5.52 -5.94
C GLY A 9 -4.11 -4.03 -5.93
N VAL A 10 -5.20 -3.67 -5.26
CA VAL A 10 -5.61 -2.28 -5.14
C VAL A 10 -4.98 -1.67 -3.91
N THR A 11 -3.71 -1.27 -4.05
CA THR A 11 -2.97 -0.69 -2.92
C THR A 11 -2.18 0.54 -3.35
N ILE A 12 -1.42 1.12 -2.42
CA ILE A 12 -0.64 2.33 -2.70
C ILE A 12 0.70 2.28 -2.01
N ARG A 13 1.62 3.12 -2.49
CA ARG A 13 2.98 3.14 -1.98
C ARG A 13 3.10 4.34 -1.04
N GLU A 14 3.15 4.05 0.26
CA GLU A 14 3.25 5.12 1.27
C GLU A 14 4.71 5.51 1.53
N LYS A 15 5.56 4.50 1.77
CA LYS A 15 6.98 4.70 2.03
C LYS A 15 7.27 6.12 2.53
N NH2 A 16 7.20 6.38 3.81
HN1 NH2 A 16 6.95 5.67 4.43
HN2 NH2 A 16 7.39 7.28 4.13
N NH2 A 1 7.42 3.26 3.44
HN1 NH2 A 1 6.54 3.18 3.02
HN2 NH2 A 1 7.96 4.07 3.28
N GLN A 2 5.65 1.43 4.57
CA GLN A 2 7.02 1.06 4.42
C GLN A 2 7.87 2.30 4.19
N LYS A 3 2.72 0.87 5.64
CA LYS A 3 3.62 2.03 5.68
C LYS A 3 5.09 1.64 5.75
N PHE A 4 -0.25 -0.23 3.84
CA PHE A 4 0.76 -0.35 4.88
C PHE A 4 1.64 0.88 4.86
N ILE A 5 -3.08 -1.70 2.44
CA ILE A 5 -2.39 -0.45 2.77
C ILE A 5 -1.50 -0.64 3.99
N ARG A 6 -4.37 -3.63 -0.08
CA ARG A 6 -3.60 -3.69 1.15
C ARG A 6 -2.78 -2.40 1.34
N VAL A 7 -5.57 -5.40 -2.67
CA VAL A 7 -6.00 -4.39 -1.70
C VAL A 7 -5.27 -4.56 -0.38
C7 4FU A 8 -4.95 -4.69 -6.77
C8 4FU A 8 -5.36 -6.04 -6.17
C9 4FU A 8 -6.87 -6.10 -6.03
C11 4FU A 8 -7.27 -7.46 -5.46
C12 4FU A 8 -6.62 -7.64 -4.09
C13 4FU A 8 -5.11 -7.56 -4.23
C14 4FU A 8 -4.71 -6.20 -4.81
C 4FU A 8 -5.15 -5.08 -3.87
O 4FU A 8 -5.10 -3.91 -4.25
O1 4FU A 8 -3.94 -4.60 -7.46
H8 4FU A 8 -5.02 -6.84 -6.83
H9 4FU A 8 -7.20 -5.30 -5.37
HAI 4FU A 8 -7.33 -5.98 -7.01
H112 4FU A 8 -6.94 -8.25 -6.13
H111 4FU A 8 -8.36 -7.49 -5.36
HAG 4FU A 8 -6.97 -6.87 -3.41
H12 4FU A 8 -6.90 -8.62 -3.70
HAL 4FU A 8 -4.77 -8.36 -4.89
HAK 4FU A 8 -4.65 -7.68 -3.25
H14 4FU A 8 -3.62 -6.18 -4.91
N GLY A 9 -5.72 -3.66 -6.52
CA GLY A 9 -5.43 -2.32 -7.04
C GLY A 9 -5.13 -1.33 -5.92
N VAL A 10 -5.76 -1.51 -4.76
CA VAL A 10 -5.55 -0.61 -3.63
C VAL A 10 -4.38 -1.06 -2.77
N THR A 11 -3.42 -1.75 -3.41
CA THR A 11 -2.22 -2.23 -2.71
C THR A 11 -0.99 -1.62 -3.37
N ILE A 12 -0.17 -0.91 -2.60
CA ILE A 12 1.03 -0.29 -3.20
C ILE A 12 1.95 0.33 -2.15
N ARG A 13 3.21 0.58 -2.56
CA ARG A 13 4.22 1.18 -1.69
C ARG A 13 4.52 2.61 -2.10
N GLU A 14 4.55 3.47 -1.10
CA GLU A 14 4.82 4.89 -1.26
C GLU A 14 4.66 5.51 0.11
N LYS A 15 4.00 4.75 0.97
CA LYS A 15 3.74 5.15 2.34
C LYS A 15 4.98 4.92 3.19
N NH2 A 16 6.15 5.26 2.73
HN1 NH2 A 16 6.22 5.66 1.84
HN2 NH2 A 16 6.95 5.13 3.27
N NH2 A 1 7.33 2.51 5.83
HN1 NH2 A 1 6.43 2.75 5.52
HN2 NH2 A 1 7.85 3.15 6.37
N GLN A 2 5.61 0.75 4.69
CA GLN A 2 7.03 0.38 4.69
C GLN A 2 7.84 1.36 5.52
N LYS A 3 2.45 -0.26 4.98
CA LYS A 3 3.34 0.79 5.52
C LYS A 3 4.79 0.33 5.63
N PHE A 4 0.60 -1.71 3.73
CA PHE A 4 1.80 -2.44 4.14
C PHE A 4 2.86 -1.51 4.68
N ILE A 5 -2.74 -2.21 2.44
CA ILE A 5 -1.77 -1.45 3.24
C ILE A 5 -0.60 -2.31 3.68
N ARG A 6 -4.74 -2.29 -0.57
CA ARG A 6 -3.98 -2.94 0.51
C ARG A 6 -2.93 -2.02 1.13
N VAL A 7 -7.99 -1.73 -1.75
CA VAL A 7 -6.66 -1.14 -1.56
C VAL A 7 -5.97 -1.78 -0.36
C7 4FU A 8 -9.06 -4.58 -4.70
C8 4FU A 8 -10.03 -3.46 -4.30
C9 4FU A 8 -9.89 -2.29 -5.26
C11 4FU A 8 -10.88 -1.19 -4.87
C12 4FU A 8 -10.59 -0.73 -3.45
C13 4FU A 8 -10.70 -1.90 -2.50
C14 4FU A 8 -9.72 -2.99 -2.89
C 4FU A 8 -8.29 -2.46 -2.80
O 4FU A 8 -7.48 -2.70 -3.69
O1 4FU A 8 -9.26 -5.73 -4.33
H8 4FU A 8 -11.05 -3.84 -4.35
H9 4FU A 8 -8.87 -1.91 -5.22
HAI 4FU A 8 -10.11 -2.62 -6.28
H112 4FU A 8 -11.89 -1.58 -4.92
H111 4FU A 8 -10.76 -0.35 -5.56
HAG 4FU A 8 -9.57 -0.31 -3.40
H12 4FU A 8 -11.31 0.04 -3.18
HAL 4FU A 8 -11.72 -2.29 -2.54
HAK 4FU A 8 -10.49 -1.57 -1.48
H14 4FU A 8 -9.83 -3.84 -2.19
N GLY A 9 -8.02 -4.25 -5.43
CA GLY A 9 -7.04 -5.26 -5.86
C GLY A 9 -5.69 -4.62 -6.16
N VAL A 10 -5.37 -3.55 -5.42
CA VAL A 10 -4.12 -2.84 -5.61
C VAL A 10 -3.41 -2.67 -4.26
N THR A 11 -2.10 -2.42 -4.32
CA THR A 11 -1.29 -2.22 -3.11
C THR A 11 -0.31 -1.07 -3.34
N ILE A 12 -0.39 -0.03 -2.50
CA ILE A 12 0.47 1.12 -2.64
C ILE A 12 0.64 1.84 -1.31
N ARG A 13 1.59 2.79 -1.27
CA ARG A 13 1.85 3.55 -0.06
C ARG A 13 2.63 4.82 -0.40
N GLU A 14 2.72 5.74 0.56
CA GLU A 14 3.44 6.99 0.36
C GLU A 14 4.93 6.82 0.66
N LYS A 15 5.52 5.73 0.15
CA LYS A 15 6.94 5.46 0.39
C LYS A 15 7.75 6.76 0.36
N NH2 A 16 7.34 7.75 -0.39
HN1 NH2 A 16 6.53 7.65 -0.94
HN2 NH2 A 16 7.86 8.59 -0.43
N NH2 A 1 9.07 2.60 4.96
HN1 NH2 A 1 9.45 2.49 4.06
HN2 NH2 A 1 9.60 3.05 5.65
N GLN A 2 5.64 1.75 4.33
CA GLN A 2 7.06 1.49 4.13
C GLN A 2 7.87 2.17 5.22
N LYS A 3 2.35 0.10 4.48
CA LYS A 3 3.32 1.19 4.76
C LYS A 3 4.77 0.76 4.58
N PHE A 4 0.45 -1.53 3.56
CA PHE A 4 1.39 -2.12 4.51
C PHE A 4 2.50 -1.16 4.90
N ILE A 5 -2.68 -2.16 1.84
CA ILE A 5 -1.64 -1.29 2.36
C ILE A 5 -0.79 -1.99 3.42
N ARG A 6 -5.16 -2.36 -0.69
CA ARG A 6 -4.20 -3.05 0.17
C ARG A 6 -3.08 -2.09 0.58
N VAL A 7 -8.27 -1.84 -1.52
CA VAL A 7 -7.11 -1.00 -1.19
C VAL A 7 -6.19 -1.69 -0.18
C7 4FU A 8 -8.54 -4.54 -4.72
C8 4FU A 8 -9.76 -3.71 -4.36
C9 4FU A 8 -9.85 -2.49 -5.26
C11 4FU A 8 -11.08 -1.67 -4.91
C12 4FU A 8 -10.99 -1.23 -3.45
C13 4FU A 8 -10.90 -2.45 -2.55
C14 4FU A 8 -9.66 -3.26 -2.90
C 4FU A 8 -8.41 -2.42 -2.69
O 4FU A 8 -7.59 -2.28 -3.59
O1 4FU A 8 -8.51 -5.75 -4.47
H8 4FU A 8 -10.65 -4.32 -4.49
H9 4FU A 8 -8.95 -1.88 -5.14
HAI 4FU A 8 -9.92 -2.81 -6.30
H112 4FU A 8 -11.97 -2.27 -5.05
H111 4FU A 8 -11.13 -0.80 -5.55
HAG 4FU A 8 -10.11 -0.60 -3.31
H12 4FU A 8 -11.88 -0.66 -3.20
HAL 4FU A 8 -11.79 -3.06 -2.69
HAK 4FU A 8 -10.84 -2.14 -1.51
H14 4FU A 8 -9.62 -4.14 -2.26
N GLY A 9 -7.54 -3.94 -5.31
CA GLY A 9 -6.32 -4.65 -5.71
C GLY A 9 -5.12 -3.71 -5.80
N VAL A 10 -5.03 -2.77 -4.87
CA VAL A 10 -3.91 -1.83 -4.84
C VAL A 10 -3.00 -2.12 -3.65
N THR A 11 -1.78 -2.58 -3.95
CA THR A 11 -0.80 -2.90 -2.91
C THR A 11 0.41 -1.97 -3.01
N ILE A 12 0.33 -0.80 -2.35
CA ILE A 12 1.40 0.20 -2.35
C ILE A 12 0.88 1.56 -1.86
N ARG A 13 1.56 2.11 -0.85
CA ARG A 13 1.20 3.44 -0.34
C ARG A 13 2.38 4.04 0.43
N GLU A 14 2.25 5.29 0.84
CA GLU A 14 3.29 6.02 1.60
C GLU A 14 4.68 5.41 1.39
N LYS A 15 5.00 5.09 0.14
CA LYS A 15 6.30 4.51 -0.18
C LYS A 15 7.41 5.57 -0.26
N NH2 A 16 7.09 6.82 -0.11
HN1 NH2 A 16 6.16 7.09 0.03
HN2 NH2 A 16 7.80 7.51 -0.15
N NH2 A 1 8.42 2.48 4.14
HN1 NH2 A 1 7.61 3.03 4.14
HN2 NH2 A 1 9.22 2.77 4.62
N GLN A 2 5.99 1.24 3.49
CA GLN A 2 7.17 0.89 2.75
C GLN A 2 8.42 1.34 3.50
N LYS A 3 3.23 -0.12 5.12
CA LYS A 3 4.29 0.89 5.23
C LYS A 3 5.56 0.46 4.49
N PHE A 4 0.07 -0.69 3.45
CA PHE A 4 1.28 -1.21 4.10
C PHE A 4 2.36 -0.11 4.11
N ILE A 5 -3.05 -1.17 2.71
CA ILE A 5 -2.29 -0.06 3.31
C ILE A 5 -1.09 -0.61 4.10
N ARG A 6 -4.59 -2.28 -0.31
CA ARG A 6 -3.92 -2.57 0.95
C ARG A 6 -3.07 -1.39 1.39
N VAL A 7 -7.38 -1.94 -1.89
CA VAL A 7 -6.17 -1.10 -1.74
C VAL A 7 -5.53 -1.33 -0.38
C7 4FU A 8 -7.83 -5.22 -4.49
C8 4FU A 8 -8.56 -5.01 -3.17
C9 4FU A 8 -9.86 -5.80 -3.17
C11 4FU A 8 -10.76 -5.28 -4.29
C12 4FU A 8 -11.07 -3.82 -4.05
C13 4FU A 8 -9.78 -3.02 -4.03
C14 4FU A 8 -8.87 -3.54 -2.93
C 4FU A 8 -7.57 -2.74 -2.92
O 4FU A 8 -6.75 -2.84 -3.84
O1 4FU A 8 -8.23 -4.70 -5.52
H8 4FU A 8 -7.93 -5.38 -2.35
H9 4FU A 8 -9.64 -6.85 -3.33
HAI 4FU A 8 -10.37 -5.67 -2.21
H112 4FU A 8 -11.69 -5.85 -4.29
H111 4FU A 8 -10.26 -5.41 -5.24
HAG 4FU A 8 -11.71 -3.45 -4.85
H12 4FU A 8 -11.59 -3.70 -3.10
HAL 4FU A 8 -10.02 -1.97 -3.82
HAK 4FU A 8 -9.28 -3.08 -5.00
H14 4FU A 8 -9.37 -3.43 -1.98
N GLY A 9 -6.77 -5.99 -4.47
CA GLY A 9 -5.99 -6.29 -5.68
C GLY A 9 -4.76 -5.38 -5.75
N VAL A 10 -4.99 -4.10 -5.97
CA VAL A 10 -3.91 -3.13 -6.05
C VAL A 10 -3.57 -2.62 -4.66
N THR A 11 -2.48 -1.87 -4.55
CA THR A 11 -2.08 -1.33 -3.26
C THR A 11 -1.07 -0.18 -3.44
N ILE A 12 -0.65 0.47 -2.34
CA ILE A 12 0.27 1.62 -2.44
C ILE A 12 1.43 1.56 -1.45
N ARG A 13 2.55 2.21 -1.85
CA ARG A 13 3.77 2.25 -1.02
C ARG A 13 4.01 3.64 -0.43
N GLU A 14 5.10 3.80 0.31
CA GLU A 14 5.45 5.07 0.97
C GLU A 14 4.48 5.28 2.14
N LYS A 15 3.23 4.85 1.92
CA LYS A 15 2.13 4.95 2.88
C LYS A 15 2.54 5.73 4.13
N NH2 A 16 1.95 6.87 4.40
HN1 NH2 A 16 1.25 7.20 3.79
HN2 NH2 A 16 2.20 7.38 5.18
N NH2 A 1 9.63 -1.18 3.95
HN1 NH2 A 1 9.81 -2.03 3.51
HN2 NH2 A 1 10.38 -0.69 4.38
N GLN A 2 5.99 -0.95 3.80
CA GLN A 2 7.28 -1.46 3.35
C GLN A 2 8.43 -0.69 4.00
N LYS A 3 2.41 -1.50 3.54
CA LYS A 3 3.58 -0.71 3.86
C LYS A 3 4.83 -1.35 3.27
N PHE A 4 -1.07 -1.21 2.99
CA PHE A 4 0.04 -2.04 3.43
C PHE A 4 1.19 -1.14 3.91
N ILE A 5 -4.17 -0.50 2.79
CA ILE A 5 -2.97 0.26 3.16
C ILE A 5 -1.92 -0.64 3.82
N ARG A 6 -5.70 -2.44 0.19
CA ARG A 6 -5.83 -1.47 1.28
C ARG A 6 -4.51 -0.69 1.51
N VAL A 7 -4.11 -5.61 -0.82
CA VAL A 7 -5.02 -4.48 -0.97
C VAL A 7 -5.02 -3.59 0.28
C7 4FU A 8 -1.68 -7.09 -3.63
C8 4FU A 8 -1.55 -7.31 -2.12
C9 4FU A 8 -0.62 -8.48 -1.84
C11 4FU A 8 -1.18 -9.77 -2.41
C12 4FU A 8 -2.56 -10.05 -1.83
C13 4FU A 8 -3.48 -8.88 -2.13
C14 4FU A 8 -2.92 -7.61 -1.52
C 4FU A 8 -3.88 -6.44 -1.79
O 4FU A 8 -4.39 -6.32 -2.90
O1 4FU A 8 -1.14 -7.86 -4.43
H8 4FU A 8 -1.13 -6.41 -1.66
H9 4FU A 8 0.36 -8.28 -2.27
HAI 4FU A 8 -0.51 -8.60 -0.76
H112 4FU A 8 -0.51 -10.60 -2.18
H111 4FU A 8 -1.26 -9.67 -3.50
HAG 4FU A 8 -2.96 -10.95 -2.26
H12 4FU A 8 -2.46 -10.17 -0.74
HAL 4FU A 8 -4.46 -9.09 -1.69
HAK 4FU A 8 -3.58 -8.76 -3.20
H14 4FU A 8 -2.82 -7.74 -0.44
N GLY A 9 -2.36 -6.06 -4.02
CA GLY A 9 -2.54 -5.73 -5.43
C GLY A 9 -2.85 -4.24 -5.58
N VAL A 10 -4.00 -3.81 -5.05
CA VAL A 10 -4.39 -2.40 -5.11
C VAL A 10 -4.08 -1.76 -3.77
N THR A 11 -2.88 -1.17 -3.68
CA THR A 11 -2.43 -0.52 -2.44
C THR A 11 -1.80 0.83 -2.75
N ILE A 12 -1.62 1.65 -1.71
CA ILE A 12 -1.01 2.97 -1.88
C ILE A 12 -0.22 3.38 -0.64
N ARG A 13 0.79 4.22 -0.82
CA ARG A 13 1.62 4.67 0.29
C ARG A 13 2.68 5.69 -0.14
N GLU A 14 3.58 6.00 0.80
CA GLU A 14 4.67 6.94 0.54
C GLU A 14 5.94 6.18 0.14
N LYS A 15 5.86 4.85 0.26
CA LYS A 15 6.97 3.96 -0.08
C LYS A 15 8.33 4.63 0.14
N NH2 A 16 8.48 5.48 1.13
HN1 NH2 A 16 7.72 5.67 1.72
HN2 NH2 A 16 9.34 5.91 1.27
#